data_2BOH
#
_entry.id   2BOH
#
_cell.length_a   56.100
_cell.length_b   72.200
_cell.length_c   79.200
_cell.angle_alpha   90.00
_cell.angle_beta   90.00
_cell.angle_gamma   90.00
#
_symmetry.space_group_name_H-M   'P 21 21 21'
#
loop_
_entity.id
_entity.type
_entity.pdbx_description
1 polymer 'COAGULATION FACTOR XA'
2 polymer 'COAGULATION FACTOR XA'
3 non-polymer 'CALCIUM ION'
4 non-polymer 1-{[5-(5-CHLORO-2-THIENYL)ISOXAZOL-3-YL]METHYL}-N-(1-ISOPROPYLPIPERIDIN-4-YL)-1H-INDOLE-2-CARBOXAMIDE
5 water water
#
loop_
_entity_poly.entity_id
_entity_poly.type
_entity_poly.pdbx_seq_one_letter_code
_entity_poly.pdbx_strand_id
1 'polypeptide(L)'
;EEMKKGHLERECMEETCSYEEAREVFEDSDKTNEFWNKYKDGDQCETSPCQNQGKCKDGLGEYTCTCLEGFEGKNCELFT
RKLCSLDNGDCDQFCHEEQNSVVCSCARGYTLADNGKACIPTGPYPCGKQTLER
;
A
2 'polypeptide(L)'
;IVGGQECKDGECPWQALLINEENEGFCGGTILSEFYILTAAHCLYQAKRFKVRVGDRNTEQEEGGEAVHEVEVVIKHNRF
TKETYDFDIAVLRLKTPITFRMNVAPACLPERDWAESTLMTQKTGIVSGFGRTHEKGRQSTRLKMLEVPYVDRNSCKLSS
SFIITQNMFCAGYDTKQEDACQGDSGGPHVTRFKDTYFVTGIVSWGEGCARKGKYGIYTKVTAFLKWIDRSMKTRGLPKA
KSHAPEVITSSPLK
;
B
#
loop_
_chem_comp.id
_chem_comp.type
_chem_comp.name
_chem_comp.formula
CA non-polymer 'CALCIUM ION' 'Ca 2'
IIA non-polymer 1-{[5-(5-CHLORO-2-THIENYL)ISOXAZOL-3-YL]METHYL}-N-(1-ISOPROPYLPIPERIDIN-4-YL)-1H-INDOLE-2-CARBOXAMIDE 'C25 H27 Cl N4 O2 S'
#
# COMPACT_ATOMS: atom_id res chain seq x y z
N ARG A 81 -8.01 -28.48 -2.65
CA ARG A 81 -8.72 -27.34 -2.00
C ARG A 81 -9.83 -27.89 -1.10
N LYS A 82 -9.61 -27.82 0.22
CA LYS A 82 -10.61 -28.33 1.15
C LYS A 82 -11.32 -27.25 1.97
N LEU A 83 -10.60 -26.63 2.89
CA LEU A 83 -11.21 -25.61 3.74
C LEU A 83 -10.96 -24.21 3.22
N CYS A 84 -10.03 -23.48 3.86
CA CYS A 84 -9.72 -22.13 3.43
C CYS A 84 -9.13 -22.09 2.03
N SER A 85 -8.78 -23.25 1.50
CA SER A 85 -8.21 -23.32 0.15
C SER A 85 -9.33 -23.44 -0.87
N LEU A 86 -10.54 -23.75 -0.39
CA LEU A 86 -11.69 -23.86 -1.28
C LEU A 86 -12.52 -22.59 -1.17
N ASP A 87 -12.35 -21.71 -2.15
CA ASP A 87 -13.06 -20.44 -2.21
C ASP A 87 -13.00 -19.65 -0.89
N ASN A 88 -11.82 -19.63 -0.29
CA ASN A 88 -11.61 -18.89 0.96
C ASN A 88 -12.53 -19.33 2.08
N GLY A 89 -12.99 -20.57 2.02
CA GLY A 89 -13.89 -21.09 3.05
C GLY A 89 -15.22 -20.36 3.12
N ASP A 90 -15.55 -19.61 2.07
CA ASP A 90 -16.80 -18.85 1.98
C ASP A 90 -16.76 -17.61 2.88
N CYS A 91 -15.57 -17.28 3.39
CA CYS A 91 -15.38 -16.11 4.24
C CYS A 91 -15.27 -14.85 3.40
N ASP A 92 -15.69 -13.72 3.95
CA ASP A 92 -15.59 -12.45 3.26
C ASP A 92 -14.14 -11.98 3.29
N GLN A 93 -13.47 -12.22 4.41
CA GLN A 93 -12.09 -11.80 4.57
C GLN A 93 -11.17 -12.89 5.08
N PHE A 94 -10.62 -12.71 6.28
CA PHE A 94 -9.68 -13.69 6.83
C PHE A 94 -10.30 -15.06 7.04
N CYS A 95 -9.57 -16.10 6.63
CA CYS A 95 -10.00 -17.48 6.80
C CYS A 95 -8.86 -18.25 7.45
N HIS A 96 -9.17 -19.00 8.50
CA HIS A 96 -8.18 -19.81 9.17
C HIS A 96 -8.76 -21.15 9.57
N GLU A 97 -7.96 -22.20 9.42
CA GLU A 97 -8.38 -23.55 9.75
C GLU A 97 -7.97 -23.93 11.17
N GLU A 98 -8.96 -23.98 12.06
CA GLU A 98 -8.72 -24.33 13.46
C GLU A 98 -9.22 -25.73 13.75
N GLN A 99 -8.31 -26.62 14.16
CA GLN A 99 -8.68 -28.01 14.46
C GLN A 99 -9.65 -28.50 13.40
N ASN A 100 -9.27 -28.31 12.14
CA ASN A 100 -10.10 -28.69 11.02
C ASN A 100 -11.31 -27.76 11.06
N SER A 101 -12.04 -27.65 9.95
CA SER A 101 -13.18 -26.75 9.88
C SER A 101 -12.69 -25.31 9.69
N VAL A 102 -13.52 -24.51 9.04
CA VAL A 102 -13.19 -23.12 8.75
C VAL A 102 -13.66 -22.15 9.82
N VAL A 103 -12.86 -21.12 10.08
CA VAL A 103 -13.20 -20.07 11.02
C VAL A 103 -12.90 -18.74 10.34
N CYS A 104 -13.91 -17.90 10.19
CA CYS A 104 -13.75 -16.61 9.54
C CYS A 104 -13.59 -15.46 10.53
N SER A 105 -12.91 -14.40 10.10
CA SER A 105 -12.73 -13.21 10.92
C SER A 105 -12.61 -12.00 10.00
N CYS A 106 -12.59 -10.80 10.57
CA CYS A 106 -12.53 -9.58 9.78
C CYS A 106 -11.51 -8.58 10.28
N ALA A 107 -11.22 -7.59 9.44
CA ALA A 107 -10.28 -6.53 9.77
C ALA A 107 -10.92 -5.58 10.78
N ARG A 108 -10.08 -4.79 11.46
CA ARG A 108 -10.59 -3.84 12.44
C ARG A 108 -11.54 -2.89 11.72
N GLY A 109 -12.68 -2.61 12.35
CA GLY A 109 -13.66 -1.74 11.75
C GLY A 109 -14.82 -2.54 11.16
N TYR A 110 -14.71 -3.86 11.23
CA TYR A 110 -15.76 -4.75 10.72
C TYR A 110 -16.10 -5.74 11.82
N THR A 111 -17.31 -6.27 11.75
CA THR A 111 -17.74 -7.28 12.71
C THR A 111 -18.26 -8.47 11.93
N LEU A 112 -17.93 -9.67 12.40
CA LEU A 112 -18.39 -10.87 11.73
C LEU A 112 -19.92 -10.92 11.82
N ALA A 113 -20.58 -11.15 10.69
CA ALA A 113 -22.03 -11.22 10.66
C ALA A 113 -22.54 -12.47 11.37
N ASP A 114 -23.86 -12.58 11.47
CA ASP A 114 -24.47 -13.73 12.12
C ASP A 114 -24.15 -15.07 11.46
N ASN A 115 -23.98 -15.07 10.15
CA ASN A 115 -23.65 -16.31 9.45
C ASN A 115 -22.18 -16.67 9.69
N GLY A 116 -21.51 -15.86 10.51
CA GLY A 116 -20.10 -16.10 10.82
C GLY A 116 -19.17 -16.15 9.62
N LYS A 117 -19.54 -15.47 8.54
CA LYS A 117 -18.74 -15.45 7.32
C LYS A 117 -18.58 -14.05 6.74
N ALA A 118 -19.70 -13.34 6.59
CA ALA A 118 -19.67 -12.00 6.06
C ALA A 118 -19.10 -11.04 7.08
N CYS A 119 -18.57 -9.91 6.60
CA CYS A 119 -18.01 -8.89 7.47
C CYS A 119 -18.82 -7.61 7.26
N ILE A 120 -19.33 -7.07 8.36
CA ILE A 120 -20.14 -5.85 8.31
C ILE A 120 -19.38 -4.67 8.89
N PRO A 121 -19.39 -3.52 8.18
CA PRO A 121 -18.71 -2.30 8.63
C PRO A 121 -19.26 -1.79 9.96
N THR A 122 -18.36 -1.47 10.88
CA THR A 122 -18.77 -0.98 12.20
C THR A 122 -19.32 0.44 12.13
N GLY A 123 -18.72 1.27 11.28
CA GLY A 123 -19.17 2.64 11.14
C GLY A 123 -18.86 3.19 9.76
N PRO A 124 -18.84 4.51 9.60
CA PRO A 124 -18.54 5.12 8.29
C PRO A 124 -17.06 5.03 7.93
N TYR A 125 -16.79 4.91 6.64
CA TYR A 125 -15.44 4.83 6.11
C TYR A 125 -14.62 3.66 6.65
N PRO A 126 -15.13 2.44 6.49
CA PRO A 126 -14.42 1.24 6.96
C PRO A 126 -13.23 1.06 6.02
N CYS A 127 -12.15 0.48 6.52
CA CYS A 127 -10.96 0.28 5.71
C CYS A 127 -11.20 -0.56 4.44
N GLY A 128 -10.38 -0.30 3.43
CA GLY A 128 -10.44 -1.05 2.18
C GLY A 128 -11.59 -0.76 1.23
N LYS A 129 -12.39 0.25 1.53
CA LYS A 129 -13.52 0.57 0.66
C LYS A 129 -13.35 1.89 -0.08
N GLN A 130 -13.49 1.83 -1.40
CA GLN A 130 -13.37 3.04 -2.20
C GLN A 130 -14.58 3.91 -1.82
N THR A 131 -14.34 5.20 -1.61
CA THR A 131 -15.41 6.11 -1.21
C THR A 131 -16.41 6.43 -2.33
N LEU A 132 -17.65 6.02 -2.14
CA LEU A 132 -18.72 6.26 -3.11
C LEU A 132 -19.41 7.59 -2.83
N GLU A 133 -19.16 8.13 -1.64
CA GLU A 133 -19.74 9.41 -1.24
C GLU A 133 -18.99 9.97 -0.02
N ARG A 134 -19.23 11.15 0.32
N ILE B 1 3.82 6.81 -11.66
CA ILE B 1 3.26 5.61 -12.35
C ILE B 1 3.42 5.70 -13.87
N VAL B 2 4.03 4.68 -14.46
CA VAL B 2 4.23 4.62 -15.91
C VAL B 2 3.07 3.79 -16.45
N GLY B 3 2.30 4.37 -17.37
CA GLY B 3 1.17 3.66 -17.92
C GLY B 3 0.00 3.76 -16.95
N GLY B 4 -0.81 2.71 -16.87
CA GLY B 4 -1.94 2.73 -15.97
C GLY B 4 -2.98 3.77 -16.30
N GLN B 5 -3.84 4.07 -15.33
CA GLN B 5 -4.90 5.05 -15.48
C GLN B 5 -4.84 6.00 -14.30
N GLU B 6 -5.54 7.13 -14.41
CA GLU B 6 -5.56 8.07 -13.30
C GLU B 6 -6.64 7.61 -12.33
N CYS B 7 -6.40 7.79 -11.03
CA CYS B 7 -7.39 7.39 -10.03
C CYS B 7 -8.59 8.29 -10.16
N LYS B 8 -9.76 7.70 -10.35
CA LYS B 8 -10.98 8.47 -10.47
C LYS B 8 -11.50 8.81 -9.07
N ASP B 9 -12.48 9.70 -9.02
CA ASP B 9 -13.04 10.13 -7.76
C ASP B 9 -13.37 8.96 -6.82
N GLY B 10 -12.68 8.92 -5.68
CA GLY B 10 -12.93 7.88 -4.69
C GLY B 10 -12.30 6.53 -4.91
N GLU B 11 -11.45 6.39 -5.93
CA GLU B 11 -10.82 5.10 -6.20
C GLU B 11 -9.57 4.75 -5.39
N CYS B 12 -8.76 5.74 -5.03
CA CYS B 12 -7.53 5.48 -4.28
C CYS B 12 -7.52 6.40 -3.05
N PRO B 13 -8.54 6.28 -2.19
CA PRO B 13 -8.68 7.11 -0.99
C PRO B 13 -7.64 6.98 0.11
N TRP B 14 -6.90 5.86 0.12
CA TRP B 14 -5.87 5.61 1.12
C TRP B 14 -4.51 6.16 0.73
N GLN B 15 -4.47 6.85 -0.41
CA GLN B 15 -3.23 7.44 -0.89
C GLN B 15 -2.84 8.66 -0.06
N ALA B 16 -1.58 8.71 0.34
CA ALA B 16 -1.04 9.84 1.09
C ALA B 16 0.15 10.33 0.30
N LEU B 17 0.47 11.60 0.43
CA LEU B 17 1.59 12.21 -0.28
C LEU B 17 2.49 12.99 0.68
N LEU B 18 3.76 12.63 0.73
CA LEU B 18 4.70 13.34 1.59
C LEU B 18 5.17 14.56 0.80
N ILE B 19 5.04 15.74 1.38
CA ILE B 19 5.45 16.96 0.72
C ILE B 19 6.57 17.65 1.52
N ASN B 20 7.52 18.24 0.80
CA ASN B 20 8.64 18.93 1.45
C ASN B 20 8.26 20.36 1.83
N GLU B 21 9.21 21.10 2.40
CA GLU B 21 8.97 22.49 2.83
C GLU B 21 8.42 23.35 1.71
N GLU B 22 8.78 23.05 0.48
CA GLU B 22 8.29 23.84 -0.64
C GLU B 22 7.04 23.27 -1.31
N ASN B 23 6.29 22.50 -0.53
CA ASN B 23 5.03 21.91 -0.98
C ASN B 23 5.13 20.94 -2.16
N GLU B 24 6.29 20.32 -2.34
CA GLU B 24 6.46 19.38 -3.46
C GLU B 24 6.37 17.94 -2.96
N GLY B 25 5.63 17.10 -3.70
CA GLY B 25 5.52 15.72 -3.31
C GLY B 25 6.78 14.98 -3.72
N PHE B 26 7.35 14.19 -2.81
CA PHE B 26 8.55 13.43 -3.14
C PHE B 26 8.37 11.95 -2.90
N CYS B 27 7.35 11.59 -2.13
CA CYS B 27 7.06 10.20 -1.82
C CYS B 27 5.59 9.98 -1.55
N GLY B 28 5.18 8.72 -1.58
CA GLY B 28 3.81 8.38 -1.31
C GLY B 28 3.72 7.75 0.07
N GLY B 29 2.50 7.40 0.44
CA GLY B 29 2.27 6.77 1.73
C GLY B 29 0.90 6.14 1.69
N THR B 30 0.60 5.31 2.68
CA THR B 30 -0.70 4.66 2.74
C THR B 30 -1.37 4.99 4.06
N ILE B 31 -2.62 5.45 3.99
CA ILE B 31 -3.36 5.76 5.20
C ILE B 31 -3.73 4.44 5.88
N LEU B 32 -3.32 4.28 7.13
CA LEU B 32 -3.64 3.06 7.88
C LEU B 32 -4.76 3.29 8.89
N SER B 33 -4.89 4.53 9.34
CA SER B 33 -5.92 4.90 10.31
C SER B 33 -5.91 6.42 10.44
N GLU B 34 -6.73 6.97 11.33
CA GLU B 34 -6.79 8.42 11.48
C GLU B 34 -5.47 9.07 11.91
N PHE B 35 -4.61 8.31 12.60
CA PHE B 35 -3.34 8.85 13.09
C PHE B 35 -2.09 8.27 12.43
N TYR B 36 -2.23 7.19 11.68
CA TYR B 36 -1.04 6.53 11.11
C TYR B 36 -0.93 6.39 9.60
N ILE B 37 0.27 6.67 9.12
CA ILE B 37 0.62 6.59 7.70
C ILE B 37 1.78 5.61 7.51
N LEU B 38 1.65 4.71 6.55
CA LEU B 38 2.72 3.75 6.25
C LEU B 38 3.49 4.28 5.05
N THR B 39 4.81 4.25 5.12
CA THR B 39 5.64 4.70 4.01
C THR B 39 6.96 3.93 4.01
N ALA B 40 7.89 4.35 3.16
CA ALA B 40 9.19 3.69 3.07
C ALA B 40 10.22 4.46 3.90
N ALA B 41 11.16 3.73 4.49
CA ALA B 41 12.21 4.34 5.31
C ALA B 41 13.14 5.21 4.48
N HIS B 42 13.47 4.77 3.26
CA HIS B 42 14.38 5.55 2.44
C HIS B 42 13.78 6.91 2.08
N CYS B 43 12.46 7.02 2.18
CA CYS B 43 11.80 8.29 1.88
C CYS B 43 12.14 9.33 2.95
N LEU B 44 12.42 8.87 4.16
CA LEU B 44 12.74 9.76 5.26
C LEU B 44 14.02 10.58 5.04
N TYR B 45 14.82 10.18 4.05
CA TYR B 45 16.06 10.87 3.76
C TYR B 45 15.95 11.90 2.63
N GLN B 46 14.78 11.96 1.99
CA GLN B 46 14.56 12.88 0.88
C GLN B 46 14.24 14.29 1.35
N ALA B 47 13.89 14.44 2.63
CA ALA B 47 13.55 15.74 3.18
C ALA B 47 13.85 15.84 4.67
N LYS B 48 14.43 16.96 5.09
CA LYS B 48 14.77 17.15 6.50
C LYS B 48 13.49 17.43 7.28
N ARG B 49 12.49 17.95 6.59
CA ARG B 49 11.21 18.26 7.21
C ARG B 49 10.11 18.11 6.16
N PHE B 50 9.06 17.37 6.51
CA PHE B 50 7.95 17.15 5.59
C PHE B 50 6.62 16.99 6.31
N LYS B 51 5.54 17.06 5.54
CA LYS B 51 4.19 16.90 6.05
C LYS B 51 3.48 15.86 5.18
N VAL B 52 2.24 15.53 5.53
CA VAL B 52 1.49 14.56 4.76
C VAL B 52 0.17 15.15 4.26
N ARG B 53 -0.06 15.02 2.95
CA ARG B 53 -1.28 15.51 2.32
C ARG B 53 -2.15 14.32 1.95
N VAL B 54 -3.44 14.40 2.28
CA VAL B 54 -4.38 13.35 1.94
C VAL B 54 -5.57 13.94 1.17
N GLY B 55 -6.31 13.06 0.51
CA GLY B 55 -7.47 13.48 -0.27
C GLY B 55 -7.09 14.27 -1.51
N ASP B 56 -5.86 14.12 -1.97
CA ASP B 56 -5.36 14.84 -3.13
C ASP B 56 -5.31 13.99 -4.41
N ARG B 57 -5.87 14.51 -5.50
CA ARG B 57 -5.86 13.79 -6.78
C ARG B 57 -5.22 14.59 -7.91
N ASN B 58 -5.23 15.92 -7.78
CA ASN B 58 -4.68 16.83 -8.77
C ASN B 58 -3.88 17.90 -8.04
N THR B 59 -2.55 17.76 -8.02
CA THR B 59 -1.69 18.70 -7.31
C THR B 59 -1.80 20.18 -7.64
N GLU B 60 -2.38 20.53 -8.79
CA GLU B 60 -2.49 21.94 -9.16
C GLU B 60 -3.93 22.45 -9.26
N GLN B 61 -4.73 22.21 -8.22
CA GLN B 61 -6.12 22.62 -8.21
C GLN B 61 -6.65 22.14 -6.86
N GLU B 62 -7.65 22.83 -6.31
CA GLU B 62 -8.22 22.43 -5.04
C GLU B 62 -9.69 22.03 -5.18
N GLU B 63 -10.01 20.93 -4.54
CA GLU B 63 -11.37 20.44 -4.47
C GLU B 63 -11.35 20.25 -2.98
N GLY B 64 -11.79 21.29 -2.27
CA GLY B 64 -11.80 21.28 -0.83
C GLY B 64 -12.10 19.95 -0.19
N GLY B 65 -11.17 19.00 -0.26
CA GLY B 65 -11.40 17.71 0.35
C GLY B 65 -10.03 17.20 0.74
N GLU B 66 -9.03 18.00 0.39
CA GLU B 66 -7.64 17.71 0.68
C GLU B 66 -7.29 18.20 2.08
N ALA B 67 -6.23 17.66 2.64
CA ALA B 67 -5.83 18.12 3.96
C ALA B 67 -4.38 17.84 4.26
N VAL B 68 -3.69 18.84 4.81
CA VAL B 68 -2.30 18.66 5.17
C VAL B 68 -2.21 18.34 6.66
N HIS B 69 -1.33 17.41 7.00
CA HIS B 69 -1.14 16.98 8.38
C HIS B 69 0.34 16.99 8.74
N GLU B 70 0.65 17.57 9.89
CA GLU B 70 2.03 17.60 10.35
C GLU B 70 2.33 16.25 10.98
N VAL B 71 3.60 15.85 10.91
CA VAL B 71 4.01 14.58 11.49
C VAL B 71 4.50 14.82 12.92
N GLU B 72 3.96 14.05 13.86
CA GLU B 72 4.34 14.15 15.25
C GLU B 72 5.48 13.19 15.58
N VAL B 73 5.36 11.94 15.12
CA VAL B 73 6.37 10.93 15.38
C VAL B 73 6.74 10.14 14.13
N VAL B 74 8.03 9.97 13.91
CA VAL B 74 8.53 9.20 12.80
C VAL B 74 9.10 7.92 13.39
N ILE B 75 8.50 6.79 13.03
CA ILE B 75 8.94 5.49 13.51
C ILE B 75 9.56 4.72 12.35
N LYS B 76 10.88 4.70 12.30
CA LYS B 76 11.60 4.01 11.24
C LYS B 76 12.08 2.66 11.75
N HIS B 77 12.11 1.66 10.87
CA HIS B 77 12.58 0.35 11.30
C HIS B 77 14.07 0.49 11.61
N ASN B 78 14.48 -0.02 12.77
CA ASN B 78 15.88 0.09 13.17
C ASN B 78 16.86 -0.76 12.36
N ARG B 79 16.33 -1.67 11.55
CA ARG B 79 17.20 -2.52 10.74
C ARG B 79 17.32 -2.06 9.29
N PHE B 80 16.76 -0.91 8.96
CA PHE B 80 16.85 -0.40 7.58
C PHE B 80 18.27 -0.08 7.19
N THR B 81 18.66 -0.47 5.98
CA THR B 81 20.01 -0.23 5.49
C THR B 81 19.98 0.33 4.06
N LYS B 82 20.62 1.48 3.87
CA LYS B 82 20.67 2.13 2.56
C LYS B 82 21.46 1.30 1.55
N GLU B 83 22.23 0.35 2.06
CA GLU B 83 23.06 -0.50 1.22
C GLU B 83 22.26 -1.45 0.35
N THR B 84 21.19 -1.99 0.91
CA THR B 84 20.37 -2.95 0.20
C THR B 84 18.88 -2.61 0.20
N TYR B 85 18.52 -1.57 0.94
CA TYR B 85 17.12 -1.14 1.06
C TYR B 85 16.27 -2.20 1.74
N ASP B 86 16.91 -3.03 2.55
CA ASP B 86 16.20 -4.07 3.28
C ASP B 86 15.50 -3.37 4.44
N PHE B 87 14.33 -3.86 4.84
CA PHE B 87 13.56 -3.23 5.92
C PHE B 87 13.19 -1.80 5.51
N ASP B 88 12.78 -1.62 4.26
CA ASP B 88 12.40 -0.29 3.80
C ASP B 88 10.95 -0.04 4.22
N ILE B 89 10.78 0.29 5.50
CA ILE B 89 9.46 0.54 6.06
C ILE B 89 9.50 1.54 7.22
N ALA B 90 8.48 2.39 7.28
CA ALA B 90 8.40 3.39 8.34
C ALA B 90 6.94 3.74 8.58
N VAL B 91 6.62 4.09 9.81
CA VAL B 91 5.25 4.48 10.17
C VAL B 91 5.29 5.89 10.73
N LEU B 92 4.36 6.72 10.28
CA LEU B 92 4.27 8.11 10.71
C LEU B 92 3.03 8.34 11.57
N ARG B 93 3.22 8.91 12.76
CA ARG B 93 2.12 9.23 13.65
C ARG B 93 1.83 10.71 13.41
N LEU B 94 0.59 11.03 13.06
CA LEU B 94 0.21 12.41 12.79
C LEU B 94 -0.17 13.19 14.05
N LYS B 95 0.06 14.50 14.02
CA LYS B 95 -0.29 15.36 15.14
C LYS B 95 -1.80 15.44 15.31
N THR B 96 -2.51 15.61 14.20
CA THR B 96 -3.96 15.68 14.26
C THR B 96 -4.56 14.53 13.47
N PRO B 97 -5.71 14.00 13.90
CA PRO B 97 -6.36 12.89 13.21
C PRO B 97 -6.91 13.20 11.83
N ILE B 98 -6.86 12.22 10.94
CA ILE B 98 -7.38 12.39 9.60
C ILE B 98 -8.89 12.23 9.67
N THR B 99 -9.62 13.13 9.02
CA THR B 99 -11.07 13.04 9.00
C THR B 99 -11.44 12.36 7.69
N PHE B 100 -11.92 11.12 7.79
CA PHE B 100 -12.28 10.37 6.60
C PHE B 100 -13.47 10.99 5.87
N ARG B 101 -13.41 10.93 4.54
CA ARG B 101 -14.44 11.46 3.68
C ARG B 101 -14.17 10.95 2.27
N MET B 102 -14.86 11.55 1.30
CA MET B 102 -14.67 11.18 -0.09
C MET B 102 -13.19 11.39 -0.40
N ASN B 103 -12.55 10.36 -0.95
CA ASN B 103 -11.12 10.39 -1.31
C ASN B 103 -10.16 10.34 -0.13
N VAL B 104 -10.68 10.10 1.07
CA VAL B 104 -9.84 10.00 2.26
C VAL B 104 -10.34 8.85 3.12
N ALA B 105 -9.64 7.73 3.08
CA ALA B 105 -10.04 6.56 3.86
C ALA B 105 -8.85 5.61 3.98
N PRO B 106 -8.80 4.81 5.07
CA PRO B 106 -7.69 3.88 5.25
C PRO B 106 -7.82 2.56 4.49
N ALA B 107 -6.69 1.94 4.21
CA ALA B 107 -6.67 0.64 3.53
C ALA B 107 -6.63 -0.35 4.68
N CYS B 108 -7.03 -1.60 4.42
CA CYS B 108 -7.02 -2.60 5.50
C CYS B 108 -5.70 -3.34 5.65
N LEU B 109 -5.32 -3.58 6.91
CA LEU B 109 -4.12 -4.36 7.20
C LEU B 109 -4.63 -5.79 7.33
N PRO B 110 -4.05 -6.73 6.59
CA PRO B 110 -4.52 -8.12 6.70
C PRO B 110 -3.72 -8.89 7.73
N GLU B 111 -4.06 -10.16 7.91
CA GLU B 111 -3.34 -11.05 8.82
C GLU B 111 -2.29 -11.69 7.93
N ARG B 112 -1.12 -11.95 8.48
CA ARG B 112 -0.01 -12.53 7.70
C ARG B 112 -0.31 -13.78 6.89
N ASP B 113 -0.64 -14.88 7.56
CA ASP B 113 -0.91 -16.14 6.88
C ASP B 113 -1.94 -16.04 5.78
N TRP B 114 -3.09 -15.45 6.09
CA TRP B 114 -4.14 -15.32 5.07
C TRP B 114 -3.66 -14.45 3.91
N ALA B 115 -3.00 -13.34 4.23
CA ALA B 115 -2.50 -12.43 3.20
C ALA B 115 -1.51 -13.10 2.24
N GLU B 116 -0.58 -13.87 2.80
CA GLU B 116 0.43 -14.56 2.00
C GLU B 116 -0.11 -15.72 1.15
N SER B 117 -1.07 -16.48 1.68
CA SER B 117 -1.60 -17.59 0.89
C SER B 117 -2.76 -17.20 -0.03
N THR B 118 -3.51 -16.17 0.36
CA THR B 118 -4.66 -15.77 -0.42
C THR B 118 -4.50 -14.47 -1.22
N LEU B 119 -3.95 -13.44 -0.59
CA LEU B 119 -3.78 -12.16 -1.26
C LEU B 119 -2.63 -12.13 -2.26
N MET B 120 -1.47 -12.58 -1.81
CA MET B 120 -0.29 -12.57 -2.65
C MET B 120 -0.24 -13.68 -3.69
N THR B 121 -1.26 -14.53 -3.70
CA THR B 121 -1.32 -15.59 -4.72
C THR B 121 -2.35 -15.17 -5.78
N GLN B 122 -2.96 -14.00 -5.57
CA GLN B 122 -3.93 -13.46 -6.53
C GLN B 122 -3.11 -13.14 -7.78
N LYS B 123 -3.79 -12.84 -8.86
CA LYS B 123 -3.11 -12.53 -10.10
C LYS B 123 -2.41 -11.19 -10.06
N THR B 124 -3.11 -10.17 -9.56
CA THR B 124 -2.55 -8.83 -9.53
C THR B 124 -2.76 -8.04 -8.25
N GLY B 125 -2.02 -6.95 -8.16
CA GLY B 125 -2.11 -6.04 -7.04
C GLY B 125 -2.26 -4.68 -7.67
N ILE B 126 -2.42 -3.63 -6.87
CA ILE B 126 -2.57 -2.29 -7.41
C ILE B 126 -1.63 -1.33 -6.72
N VAL B 127 -0.83 -0.62 -7.51
CA VAL B 127 0.10 0.37 -6.99
C VAL B 127 -0.37 1.72 -7.52
N SER B 128 -0.12 2.77 -6.76
CA SER B 128 -0.55 4.11 -7.16
C SER B 128 0.38 5.18 -6.63
N GLY B 129 0.23 6.40 -7.16
CA GLY B 129 1.06 7.50 -6.71
C GLY B 129 1.11 8.67 -7.67
N PHE B 130 1.84 9.71 -7.26
CA PHE B 130 2.03 10.93 -8.03
C PHE B 130 3.41 10.96 -8.70
N GLY B 131 4.05 9.80 -8.80
CA GLY B 131 5.38 9.71 -9.39
C GLY B 131 5.49 9.90 -10.90
N ARG B 132 6.73 9.85 -11.37
CA ARG B 132 7.03 10.02 -12.79
C ARG B 132 6.22 9.15 -13.72
N THR B 133 5.80 9.71 -14.85
CA THR B 133 5.01 8.96 -15.83
C THR B 133 5.92 8.26 -16.85
N HIS B 134 7.20 8.59 -16.78
CA HIS B 134 8.24 7.99 -17.64
C HIS B 134 9.50 8.02 -16.80
N GLU B 135 10.40 7.06 -17.02
CA GLU B 135 11.64 6.99 -16.26
C GLU B 135 12.36 8.33 -16.18
N LYS B 136 12.51 9.00 -17.31
CA LYS B 136 13.22 10.29 -17.35
C LYS B 136 12.26 11.48 -17.27
N GLY B 137 10.96 11.20 -17.20
CA GLY B 137 9.98 12.27 -17.14
C GLY B 137 9.94 12.96 -15.79
N ARG B 138 8.96 13.84 -15.61
CA ARG B 138 8.82 14.54 -14.34
C ARG B 138 7.66 13.99 -13.53
N GLN B 139 7.47 14.54 -12.34
CA GLN B 139 6.42 14.11 -11.43
C GLN B 139 5.03 14.34 -12.03
N SER B 140 4.09 13.44 -11.73
CA SER B 140 2.73 13.56 -12.22
C SER B 140 1.92 14.51 -11.31
N THR B 141 1.04 15.30 -11.92
CA THR B 141 0.21 16.22 -11.15
C THR B 141 -1.12 15.53 -10.87
N ARG B 142 -1.30 14.37 -11.47
CA ARG B 142 -2.51 13.58 -11.32
C ARG B 142 -2.20 12.26 -10.62
N LEU B 143 -3.01 11.90 -9.64
CA LEU B 143 -2.81 10.64 -8.94
C LEU B 143 -3.13 9.50 -9.91
N LYS B 144 -2.20 8.56 -10.04
CA LYS B 144 -2.43 7.44 -10.95
C LYS B 144 -2.41 6.08 -10.24
N MET B 145 -2.97 5.08 -10.91
CA MET B 145 -3.00 3.73 -10.37
C MET B 145 -2.68 2.76 -11.48
N LEU B 146 -2.10 1.63 -11.11
CA LEU B 146 -1.73 0.61 -12.08
C LEU B 146 -1.91 -0.80 -11.50
N GLU B 147 -2.51 -1.68 -12.30
CA GLU B 147 -2.69 -3.05 -11.89
C GLU B 147 -1.36 -3.75 -12.21
N VAL B 148 -0.72 -4.33 -11.20
CA VAL B 148 0.56 -5.02 -11.42
C VAL B 148 0.53 -6.47 -11.01
N PRO B 149 0.90 -7.37 -11.94
CA PRO B 149 0.91 -8.81 -11.64
C PRO B 149 1.98 -9.16 -10.62
N TYR B 150 1.67 -10.12 -9.75
CA TYR B 150 2.65 -10.60 -8.78
C TYR B 150 3.67 -11.37 -9.60
N VAL B 151 4.95 -11.20 -9.28
CA VAL B 151 5.99 -11.89 -10.02
C VAL B 151 6.63 -13.02 -9.22
N ASP B 152 6.74 -14.18 -9.86
CA ASP B 152 7.35 -15.36 -9.26
C ASP B 152 8.67 -14.96 -8.59
N ARG B 153 8.82 -15.33 -7.34
CA ARG B 153 10.02 -15.00 -6.58
C ARG B 153 11.34 -15.41 -7.27
N ASN B 154 11.35 -16.58 -7.88
CA ASN B 154 12.55 -17.06 -8.58
C ASN B 154 12.93 -16.12 -9.72
N SER B 155 11.96 -15.84 -10.59
CA SER B 155 12.19 -14.94 -11.72
C SER B 155 12.64 -13.58 -11.20
N CYS B 156 12.08 -13.16 -10.08
CA CYS B 156 12.41 -11.89 -9.46
C CYS B 156 13.92 -11.84 -9.20
N LYS B 157 14.42 -12.80 -8.44
CA LYS B 157 15.84 -12.87 -8.12
C LYS B 157 16.72 -13.00 -9.35
N LEU B 158 16.29 -13.78 -10.33
CA LEU B 158 17.05 -13.97 -11.55
C LEU B 158 17.17 -12.70 -12.38
N SER B 159 16.20 -11.81 -12.23
CA SER B 159 16.19 -10.55 -12.98
C SER B 159 16.90 -9.40 -12.31
N SER B 160 17.15 -9.50 -11.01
CA SER B 160 17.77 -8.39 -10.29
C SER B 160 19.28 -8.36 -10.18
N SER B 161 19.84 -7.18 -10.40
CA SER B 161 21.27 -6.94 -10.30
C SER B 161 21.59 -6.66 -8.84
N PHE B 162 20.53 -6.57 -8.04
CA PHE B 162 20.66 -6.31 -6.60
C PHE B 162 19.97 -7.41 -5.84
N ILE B 163 20.47 -7.69 -4.64
CA ILE B 163 19.90 -8.73 -3.80
C ILE B 163 18.43 -8.45 -3.44
N ILE B 164 17.60 -9.48 -3.55
CA ILE B 164 16.18 -9.38 -3.22
C ILE B 164 16.01 -10.12 -1.91
N THR B 165 15.90 -9.38 -0.81
CA THR B 165 15.76 -10.02 0.50
C THR B 165 14.35 -10.56 0.75
N GLN B 166 14.22 -11.27 1.85
CA GLN B 166 12.96 -11.87 2.27
C GLN B 166 11.93 -10.80 2.65
N ASN B 167 12.35 -9.54 2.70
CA ASN B 167 11.45 -8.44 3.04
C ASN B 167 11.01 -7.68 1.80
N MET B 168 11.20 -8.28 0.64
CA MET B 168 10.82 -7.64 -0.61
C MET B 168 10.15 -8.64 -1.54
N PHE B 169 9.42 -8.12 -2.53
CA PHE B 169 8.79 -8.97 -3.53
C PHE B 169 8.66 -8.16 -4.81
N CYS B 170 8.55 -8.86 -5.94
CA CYS B 170 8.45 -8.23 -7.26
C CYS B 170 7.03 -8.17 -7.77
N ALA B 171 6.74 -7.15 -8.56
CA ALA B 171 5.44 -6.96 -9.17
C ALA B 171 5.64 -6.12 -10.42
N GLY B 172 4.80 -6.33 -11.42
CA GLY B 172 4.93 -5.58 -12.64
C GLY B 172 5.01 -6.47 -13.87
N TYR B 173 5.57 -5.93 -14.94
CA TYR B 173 5.68 -6.65 -16.20
C TYR B 173 7.12 -6.84 -16.63
N ASP B 174 7.37 -7.87 -17.43
CA ASP B 174 8.70 -8.15 -17.93
C ASP B 174 9.09 -7.12 -19.00
N THR B 175 8.22 -6.95 -20.01
CA THR B 175 8.51 -6.00 -21.08
C THR B 175 7.47 -4.89 -21.25
N LYS B 176 6.22 -5.16 -20.89
CA LYS B 176 5.18 -4.13 -21.03
C LYS B 176 5.61 -2.87 -20.28
N GLN B 177 5.43 -1.72 -20.92
CA GLN B 177 5.82 -0.45 -20.32
C GLN B 177 4.86 0.11 -19.27
N GLU B 178 4.73 -0.59 -18.16
CA GLU B 178 3.89 -0.16 -17.05
C GLU B 178 4.64 -0.54 -15.79
N ASP B 179 4.73 0.38 -14.84
CA ASP B 179 5.45 0.14 -13.60
C ASP B 179 5.35 1.38 -12.73
N ALA B 180 5.80 1.28 -11.48
CA ALA B 180 5.79 2.42 -10.58
C ALA B 180 7.08 3.15 -10.96
N CYS B 181 7.36 4.29 -10.32
CA CYS B 181 8.56 5.05 -10.62
C CYS B 181 8.88 6.07 -9.52
N GLN B 182 9.99 6.77 -9.68
CA GLN B 182 10.45 7.79 -8.74
C GLN B 182 9.31 8.71 -8.35
N GLY B 183 9.05 8.87 -7.05
CA GLY B 183 7.94 9.71 -6.62
C GLY B 183 6.83 8.86 -6.03
N ASP B 184 6.71 7.63 -6.52
CA ASP B 184 5.71 6.70 -6.03
C ASP B 184 6.22 5.95 -4.80
N SER B 185 7.53 6.00 -4.56
CA SER B 185 8.13 5.33 -3.42
C SER B 185 7.43 5.63 -2.11
N GLY B 186 7.24 4.60 -1.29
CA GLY B 186 6.58 4.76 -0.01
C GLY B 186 5.08 4.67 -0.18
N GLY B 187 4.65 4.63 -1.44
CA GLY B 187 3.24 4.55 -1.76
C GLY B 187 2.59 3.20 -1.53
N PRO B 188 1.26 3.10 -1.75
CA PRO B 188 0.52 1.87 -1.55
C PRO B 188 0.57 0.81 -2.65
N HIS B 189 0.64 -0.44 -2.21
CA HIS B 189 0.54 -1.58 -3.09
C HIS B 189 -0.58 -2.30 -2.34
N VAL B 190 -1.76 -2.34 -2.94
CA VAL B 190 -2.88 -2.99 -2.29
C VAL B 190 -3.42 -4.10 -3.17
N THR B 191 -4.11 -5.05 -2.54
CA THR B 191 -4.66 -6.18 -3.26
C THR B 191 -6.14 -6.25 -2.94
N ARG B 192 -6.94 -6.30 -3.99
CA ARG B 192 -8.37 -6.36 -3.86
C ARG B 192 -8.87 -7.80 -3.64
N PHE B 193 -9.80 -7.96 -2.70
CA PHE B 193 -10.40 -9.26 -2.40
C PHE B 193 -11.85 -9.00 -2.03
N LYS B 194 -12.76 -9.44 -2.89
CA LYS B 194 -14.20 -9.21 -2.69
C LYS B 194 -14.51 -7.74 -2.42
N ASP B 195 -13.97 -6.86 -3.26
CA ASP B 195 -14.23 -5.43 -3.15
C ASP B 195 -13.67 -4.72 -1.93
N THR B 196 -12.77 -5.38 -1.22
CA THR B 196 -12.13 -4.78 -0.07
C THR B 196 -10.65 -4.79 -0.41
N TYR B 197 -9.99 -3.65 -0.21
CA TYR B 197 -8.59 -3.53 -0.51
C TYR B 197 -7.70 -3.64 0.73
N PHE B 198 -6.68 -4.48 0.62
CA PHE B 198 -5.72 -4.73 1.70
C PHE B 198 -4.31 -4.29 1.33
N VAL B 199 -3.62 -3.64 2.28
CA VAL B 199 -2.25 -3.20 2.07
C VAL B 199 -1.40 -4.47 1.96
N THR B 200 -0.67 -4.61 0.86
CA THR B 200 0.18 -5.77 0.68
C THR B 200 1.63 -5.38 0.43
N GLY B 201 1.85 -4.10 0.15
CA GLY B 201 3.21 -3.69 -0.09
C GLY B 201 3.46 -2.20 0.00
N ILE B 202 4.72 -1.84 -0.07
CA ILE B 202 5.14 -0.46 -0.05
C ILE B 202 6.06 -0.29 -1.26
N VAL B 203 5.81 0.72 -2.08
CA VAL B 203 6.66 0.97 -3.25
C VAL B 203 8.07 1.22 -2.71
N SER B 204 9.03 0.41 -3.13
CA SER B 204 10.39 0.55 -2.63
C SER B 204 11.39 1.06 -3.66
N TRP B 205 11.69 0.23 -4.67
CA TRP B 205 12.66 0.62 -5.69
C TRP B 205 12.55 -0.19 -6.97
N GLY B 206 13.46 0.10 -7.90
CA GLY B 206 13.50 -0.61 -9.16
C GLY B 206 14.70 -0.13 -9.95
N GLU B 207 15.19 -0.95 -10.86
CA GLU B 207 16.33 -0.56 -11.69
C GLU B 207 15.73 0.22 -12.85
N GLY B 208 15.53 1.51 -12.63
CA GLY B 208 14.90 2.35 -13.64
C GLY B 208 13.40 2.14 -13.49
N CYS B 209 12.65 2.50 -14.52
CA CYS B 209 11.20 2.34 -14.48
C CYS B 209 10.68 1.68 -15.75
N ALA B 210 9.98 0.56 -15.59
CA ALA B 210 9.39 -0.17 -16.70
C ALA B 210 10.39 -0.79 -17.68
N ARG B 211 11.64 -0.90 -17.25
CA ARG B 211 12.67 -1.50 -18.09
C ARG B 211 12.37 -2.96 -18.37
N LYS B 212 12.65 -3.38 -19.61
CA LYS B 212 12.41 -4.77 -20.00
C LYS B 212 13.32 -5.68 -19.19
N GLY B 213 12.77 -6.81 -18.76
CA GLY B 213 13.56 -7.75 -17.97
C GLY B 213 13.73 -7.33 -16.51
N LYS B 214 13.09 -6.23 -16.13
CA LYS B 214 13.17 -5.73 -14.75
C LYS B 214 11.77 -5.58 -14.16
N TYR B 215 11.66 -5.65 -12.84
CA TYR B 215 10.36 -5.53 -12.18
C TYR B 215 10.37 -4.46 -11.10
N GLY B 216 9.20 -4.17 -10.54
CA GLY B 216 9.11 -3.20 -9.47
C GLY B 216 9.34 -3.92 -8.16
N ILE B 217 10.16 -3.36 -7.28
CA ILE B 217 10.44 -3.99 -6.00
C ILE B 217 9.69 -3.31 -4.86
N TYR B 218 8.94 -4.10 -4.11
CA TYR B 218 8.14 -3.59 -3.00
C TYR B 218 8.49 -4.23 -1.66
N THR B 219 8.32 -3.47 -0.59
CA THR B 219 8.58 -4.00 0.74
C THR B 219 7.43 -4.96 1.03
N LYS B 220 7.76 -6.13 1.56
CA LYS B 220 6.77 -7.15 1.87
C LYS B 220 6.08 -6.83 3.21
N VAL B 221 4.95 -6.16 3.14
CA VAL B 221 4.19 -5.76 4.33
C VAL B 221 3.84 -6.90 5.29
N THR B 222 3.46 -8.07 4.75
CA THR B 222 3.11 -9.20 5.59
C THR B 222 4.21 -9.62 6.54
N ALA B 223 5.45 -9.22 6.26
CA ALA B 223 6.58 -9.58 7.11
C ALA B 223 6.75 -8.58 8.25
N PHE B 224 6.00 -7.50 8.20
CA PHE B 224 6.10 -6.45 9.21
C PHE B 224 4.81 -6.13 9.94
N LEU B 225 3.81 -6.98 9.79
CA LEU B 225 2.52 -6.74 10.43
C LEU B 225 2.60 -6.56 11.95
N LYS B 226 3.30 -7.47 12.63
CA LYS B 226 3.44 -7.35 14.08
C LYS B 226 4.16 -6.05 14.40
N TRP B 227 5.19 -5.76 13.62
CA TRP B 227 5.97 -4.54 13.82
C TRP B 227 5.07 -3.32 13.65
N ILE B 228 4.22 -3.35 12.62
CA ILE B 228 3.30 -2.25 12.35
C ILE B 228 2.31 -2.07 13.49
N ASP B 229 1.77 -3.18 14.01
CA ASP B 229 0.83 -3.09 15.11
C ASP B 229 1.51 -2.47 16.33
N ARG B 230 2.73 -2.91 16.63
CA ARG B 230 3.49 -2.37 17.75
C ARG B 230 3.61 -0.86 17.59
N SER B 231 4.05 -0.45 16.42
CA SER B 231 4.25 0.96 16.11
C SER B 231 3.00 1.81 16.30
N MET B 232 1.84 1.25 15.96
CA MET B 232 0.58 1.97 16.09
C MET B 232 0.07 1.98 17.52
N LYS B 233 0.42 0.94 18.29
CA LYS B 233 -0.01 0.84 19.67
C LYS B 233 0.77 1.91 20.45
N THR B 234 1.94 2.24 19.94
CA THR B 234 2.81 3.25 20.56
C THR B 234 3.52 4.10 19.51
N ARG B 235 4.49 3.60 18.90
CA CA C . -5.76 18.95 -5.17
C1 IIA D . 15.21 6.70 -13.04
C2 IIA D . 14.76 6.55 -11.63
C3 IIA D . 15.39 5.61 -10.68
C4 IIA D . 16.52 4.78 -11.19
C5 IIA D . 16.97 4.90 -12.58
C6 IIA D . 16.33 5.86 -13.49
N7 IIA D . 15.24 5.23 -9.31
C8 IIA D . 16.14 4.27 -9.07
C9 IIA D . 16.95 3.96 -10.15
C10 IIA D . 16.19 3.48 -7.95
N11 IIA D . 17.42 3.03 -7.77
C12 IIA D . 17.50 1.88 -6.95
C13 IIA D . 18.73 1.09 -7.35
C14 IIA D . 18.97 -0.14 -6.47
N15 IIA D . 19.06 0.34 -5.04
C16 IIA D . 17.86 1.07 -4.56
C17 IIA D . 17.65 2.28 -5.48
C27 IIA D . 19.44 -0.78 -4.13
C28 IIA D . 19.39 -0.37 -2.67
C32 IIA D . 20.83 -1.23 -4.47
C37 IIA D . 14.37 5.65 -8.19
C38 IIA D . 13.05 4.94 -8.10
N41 IIA D . 12.26 5.13 -7.03
O42 IIA D . 11.18 4.24 -7.18
C43 IIA D . 11.35 3.58 -8.35
C44 IIA D . 12.50 4.04 -9.09
C45 IIA D . 10.54 2.42 -8.71
S46 IIA D . 9.70 1.81 -7.35
C47 IIA D . 9.00 0.57 -8.37
C48 IIA D . 9.40 0.61 -9.65
C49 IIA D . 10.35 1.71 -9.84
CL50 IIA D . 7.94 -0.53 -7.63
O56 IIA D . 15.23 3.21 -7.23
#